data_7KG1
#
_entry.id   7KG1
#
_cell.length_a   66.463
_cell.length_b   88.964
_cell.length_c   95.049
_cell.angle_alpha   90.000
_cell.angle_beta   90.000
_cell.angle_gamma   90.000
#
_symmetry.space_group_name_H-M   'P 21 21 21'
#
loop_
_entity.id
_entity.type
_entity.pdbx_description
1 polymer 'Poly(ADP-ribose) glycohydrolase'
2 non-polymer 'DIMETHYL SULFOXIDE'
3 non-polymer 1,3-dimethyl-8-{[2-(morpholin-4-yl)ethyl]amino}-3,7-dihydro-1H-purine-2,6-dione
4 non-polymer GLYCEROL
5 non-polymer 'CACODYLATE ION'
6 non-polymer 'SULFATE ION'
7 water water
#
_entity_poly.entity_id   1
_entity_poly.type   'polypeptide(L)'
_entity_poly.pdbx_seq_one_letter_code
;GSSPDKKWLGTPIEEMRRMPRCGIRLPLLRPSANHTVTIRVDLLRAGEVPKPFPTHYKDLWDNKHVKMPCSEQNLYPVED
ENGERTAGSRWELIQTALLNKFTRPQNLKDAILKYNVAYSKKWDFTALIDFWDKVLEEAEAQHLYQSILPDMVKIAL
(CME)LPNICTQPIPLLAAAMNHSITMSQEQIASLLANAFFCTFPRRNAKMKSEYSSYPDINFNRLFEGRSSRKPEKLKT
LFCYFRRVTAAAPTGLVTFTRQSLEDFPEWERCEKPLTRLHVTYEGTIEENGQGMLQVDFANRFVGGGVTSAGLVQEEIR
FLINPELIISRLFTEVLDHNECLIITGTEQYSEYTGYAETYRWSRSHEDGSERDDWQRRCTEIVAIDALHFRRYLDQFVP
EKMRRELNKAYCGFLRPGVSSENLSAVATGNWGCGAFGGDARLKALIQILAAAAAERDVVYFTFGDSELMRDIYSMHIFL
TERKLTVGDVYKLLLRYYNEECRNCSTPGPDIKLYPFIYHAVESCAETADHSGQRTGT
;
_entity_poly.pdbx_strand_id   A
#
# COMPACT_ATOMS: atom_id res chain seq x y z
N LYS A 6 -24.82 19.68 3.79
CA LYS A 6 -24.44 18.59 4.68
C LYS A 6 -23.02 18.11 4.38
N LYS A 7 -22.28 17.72 5.43
CA LYS A 7 -20.90 17.28 5.21
C LYS A 7 -20.81 15.81 4.79
N TRP A 8 -21.88 15.04 4.99
CA TRP A 8 -21.91 13.64 4.60
C TRP A 8 -23.34 13.27 4.23
N LEU A 9 -23.47 12.20 3.47
CA LEU A 9 -24.77 11.72 3.02
C LEU A 9 -24.85 10.20 3.07
N GLY A 10 -26.07 9.71 3.30
CA GLY A 10 -26.32 8.29 3.13
C GLY A 10 -26.42 7.63 4.50
N THR A 11 -25.94 6.40 4.59
CA THR A 11 -25.96 5.69 5.86
C THR A 11 -24.98 6.34 6.85
N PRO A 12 -25.38 6.56 8.10
CA PRO A 12 -24.42 7.08 9.09
C PRO A 12 -23.21 6.16 9.21
N ILE A 13 -22.03 6.76 9.32
CA ILE A 13 -20.82 5.95 9.38
C ILE A 13 -20.83 5.08 10.66
N GLU A 14 -21.55 5.51 11.68
CA GLU A 14 -21.63 4.74 12.92
C GLU A 14 -22.32 3.39 12.71
N GLU A 15 -23.08 3.23 11.63
CA GLU A 15 -23.79 1.99 11.34
C GLU A 15 -22.93 1.06 10.50
N MET A 16 -21.77 1.51 10.05
CA MET A 16 -20.90 0.70 9.21
C MET A 16 -20.06 -0.26 10.07
N ARG A 17 -19.80 -1.43 9.53
CA ARG A 17 -18.99 -2.43 10.22
C ARG A 17 -17.52 -2.04 10.21
N ARG A 18 -16.85 -2.32 11.35
CA ARG A 18 -15.44 -2.03 11.51
C ARG A 18 -14.82 -3.17 12.33
N MET A 19 -13.53 -3.40 12.13
CA MET A 19 -12.70 -4.24 12.98
C MET A 19 -12.21 -3.45 14.19
N PRO A 20 -12.02 -4.11 15.34
CA PRO A 20 -12.14 -5.55 15.56
C PRO A 20 -13.58 -6.00 15.87
N ARG A 21 -14.47 -5.05 16.09
CA ARG A 21 -15.81 -5.41 16.62
C ARG A 21 -16.53 -6.41 15.70
N CYS A 22 -16.36 -6.29 14.38
CA CYS A 22 -17.09 -7.13 13.44
C CYS A 22 -16.39 -8.45 13.12
N GLY A 23 -15.16 -8.64 13.58
CA GLY A 23 -14.37 -9.77 13.13
C GLY A 23 -14.76 -11.07 13.80
N ILE A 24 -14.38 -12.16 13.14
CA ILE A 24 -14.50 -13.48 13.74
C ILE A 24 -13.23 -13.79 14.52
N ARG A 25 -13.33 -14.78 15.39
CA ARG A 25 -12.18 -15.26 16.12
C ARG A 25 -11.15 -15.78 15.14
N LEU A 26 -9.93 -15.27 15.24
CA LEU A 26 -8.89 -15.74 14.35
C LEU A 26 -8.54 -17.19 14.66
N PRO A 27 -8.25 -18.01 13.64
CA PRO A 27 -7.66 -19.32 13.89
C PRO A 27 -6.29 -19.20 14.55
N LEU A 28 -5.82 -20.31 15.07
CA LEU A 28 -4.48 -20.35 15.66
C LEU A 28 -3.45 -19.97 14.60
N LEU A 29 -2.57 -19.01 14.92
CA LEU A 29 -1.54 -18.63 13.98
C LEU A 29 -0.54 -19.77 13.82
N ARG A 30 -0.35 -20.21 12.58
CA ARG A 30 0.44 -21.42 12.34
C ARG A 30 1.03 -21.31 10.94
N PRO A 31 2.31 -21.69 10.76
CA PRO A 31 2.84 -21.82 9.40
C PRO A 31 2.21 -22.98 8.66
N SER A 32 2.13 -22.84 7.35
CA SER A 32 1.54 -23.89 6.50
C SER A 32 2.06 -23.70 5.09
N ALA A 33 1.57 -24.54 4.17
CA ALA A 33 1.97 -24.43 2.77
C ALA A 33 1.78 -23.02 2.23
N ASN A 34 0.73 -22.33 2.66
CA ASN A 34 0.40 -21.01 2.11
C ASN A 34 0.59 -19.86 3.10
N HIS A 35 1.26 -20.11 4.24
CA HIS A 35 1.46 -19.09 5.26
C HIS A 35 2.84 -19.25 5.88
N THR A 36 3.73 -18.31 5.58
CA THR A 36 5.04 -18.19 6.19
C THR A 36 4.93 -17.37 7.47
N VAL A 37 5.37 -17.94 8.59
CA VAL A 37 5.36 -17.25 9.88
C VAL A 37 6.79 -17.24 10.42
N THR A 38 7.32 -16.03 10.63
CA THR A 38 8.75 -15.90 10.93
C THR A 38 9.06 -15.70 12.41
N ILE A 39 8.10 -15.94 13.31
CA ILE A 39 8.27 -15.74 14.73
C ILE A 39 7.71 -16.97 15.47
N ARG A 40 8.06 -17.03 16.76
CA ARG A 40 7.64 -18.12 17.65
C ARG A 40 6.21 -17.86 18.11
N VAL A 41 5.26 -18.59 17.51
CA VAL A 41 3.87 -18.37 17.86
C VAL A 41 3.60 -18.78 19.30
N ASP A 42 4.29 -19.82 19.79
CA ASP A 42 4.07 -20.31 21.16
C ASP A 42 4.55 -19.30 22.20
N LEU A 43 5.41 -18.34 21.80
CA LEU A 43 5.90 -17.31 22.69
C LEU A 43 5.30 -15.92 22.39
N LEU A 44 4.34 -15.84 21.48
CA LEU A 44 3.77 -14.55 21.13
C LEU A 44 2.92 -14.06 22.27
N ARG A 45 3.28 -12.93 22.85
CA ARG A 45 2.61 -12.38 24.01
C ARG A 45 2.44 -10.87 23.83
N ALA A 46 1.26 -10.39 24.22
CA ALA A 46 1.01 -8.96 24.19
C ALA A 46 2.09 -8.18 24.93
N GLY A 47 2.59 -7.14 24.28
CA GLY A 47 3.57 -6.22 24.82
C GLY A 47 4.99 -6.75 24.91
N GLU A 48 5.24 -7.96 24.39
CA GLU A 48 6.57 -8.53 24.33
C GLU A 48 7.09 -8.57 22.90
N VAL A 49 8.38 -8.29 22.74
CA VAL A 49 8.99 -8.38 21.42
C VAL A 49 8.95 -9.84 20.94
N PRO A 50 8.44 -10.12 19.74
CA PRO A 50 8.41 -11.50 19.28
C PRO A 50 9.79 -12.10 19.07
N LYS A 51 9.87 -13.41 19.39
CA LYS A 51 11.13 -14.14 19.19
C LYS A 51 11.17 -14.69 17.77
N PRO A 52 12.25 -14.48 17.05
CA PRO A 52 12.36 -15.06 15.70
C PRO A 52 12.40 -16.58 15.74
N PHE A 53 11.79 -17.17 14.70
CA PHE A 53 11.87 -18.57 14.40
C PHE A 53 12.41 -18.77 13.00
N PRO A 54 13.50 -19.54 12.81
CA PRO A 54 14.21 -20.33 13.81
C PRO A 54 15.16 -19.50 14.68
N THR A 55 15.83 -20.19 15.61
CA THR A 55 16.72 -19.48 16.51
C THR A 55 17.99 -19.03 15.79
N HIS A 56 18.52 -19.89 14.92
CA HIS A 56 19.76 -19.61 14.19
C HIS A 56 19.45 -19.31 12.73
N TYR A 57 20.19 -18.38 12.14
CA TYR A 57 19.97 -17.94 10.75
C TYR A 57 19.98 -19.12 9.80
N LYS A 58 18.98 -19.16 8.91
CA LYS A 58 18.91 -20.13 7.82
C LYS A 58 18.80 -19.31 6.54
N ASP A 59 19.57 -19.71 5.54
CA ASP A 59 19.69 -18.95 4.30
C ASP A 59 19.15 -19.72 3.11
N LEU A 60 18.34 -19.04 2.27
CA LEU A 60 18.02 -19.57 0.94
C LEU A 60 18.40 -18.48 -0.06
N TRP A 61 19.18 -18.84 -1.06
CA TRP A 61 19.63 -17.93 -2.12
C TRP A 61 19.19 -18.58 -3.43
N ASP A 62 17.97 -18.25 -3.86
CA ASP A 62 17.42 -18.86 -5.07
C ASP A 62 16.37 -17.90 -5.65
N ASN A 63 15.69 -18.34 -6.71
CA ASN A 63 14.75 -17.49 -7.42
C ASN A 63 13.37 -17.46 -6.79
N LYS A 64 13.18 -18.08 -5.62
CA LYS A 64 11.89 -18.09 -4.95
C LYS A 64 11.88 -17.37 -3.62
N HIS A 65 13.00 -16.74 -3.22
CA HIS A 65 13.13 -16.15 -1.89
C HIS A 65 13.91 -14.85 -2.01
N VAL A 66 13.71 -13.98 -1.02
CA VAL A 66 14.51 -12.76 -0.93
C VAL A 66 15.99 -13.16 -0.85
N LYS A 67 16.82 -12.43 -1.59
CA LYS A 67 18.28 -12.57 -1.52
C LYS A 67 18.77 -11.64 -0.42
N MET A 68 19.07 -12.23 0.74
CA MET A 68 19.37 -11.41 1.89
C MET A 68 20.77 -10.81 1.78
N PRO A 69 20.96 -9.59 2.26
CA PRO A 69 22.32 -9.02 2.21
C PRO A 69 23.34 -9.76 3.02
N CYS A 70 22.90 -10.47 4.06
CA CYS A 70 23.80 -11.16 4.98
C CYS A 70 24.10 -12.59 4.54
N SER A 71 23.60 -13.00 3.37
CA SER A 71 23.86 -14.34 2.86
C SER A 71 25.34 -14.54 2.60
N GLU A 72 25.85 -15.75 2.91
CA GLU A 72 27.20 -16.09 2.52
C GLU A 72 27.38 -16.12 1.01
N GLN A 73 26.28 -16.19 0.25
CA GLN A 73 26.36 -16.16 -1.21
C GLN A 73 26.32 -14.74 -1.78
N ASN A 74 26.21 -13.72 -0.94
CA ASN A 74 26.29 -12.33 -1.39
C ASN A 74 27.76 -11.93 -1.50
N LEU A 75 28.32 -12.11 -2.72
CA LEU A 75 29.76 -11.94 -2.93
C LEU A 75 30.12 -10.87 -3.96
N ALA A 87 36.65 -13.44 -4.99
CA ALA A 87 35.34 -13.01 -4.44
C ALA A 87 35.41 -12.82 -2.93
N GLY A 88 34.90 -11.67 -2.47
CA GLY A 88 34.82 -11.36 -1.07
C GLY A 88 33.37 -11.36 -0.59
N SER A 89 33.20 -11.27 0.73
CA SER A 89 31.86 -11.21 1.32
C SER A 89 31.31 -9.79 1.31
N ARG A 90 30.22 -9.58 0.58
CA ARG A 90 29.61 -8.25 0.58
C ARG A 90 29.06 -7.88 1.95
N TRP A 91 28.54 -8.85 2.73
CA TRP A 91 28.07 -8.54 4.06
C TRP A 91 29.23 -8.04 4.95
N GLU A 92 30.40 -8.67 4.86
CA GLU A 92 31.59 -8.19 5.58
C GLU A 92 31.91 -6.74 5.15
N LEU A 93 31.76 -6.45 3.87
CA LEU A 93 32.07 -5.12 3.36
C LEU A 93 31.07 -4.09 3.86
N ILE A 94 29.78 -4.47 3.89
CA ILE A 94 28.73 -3.60 4.42
C ILE A 94 29.03 -3.27 5.88
N GLN A 95 29.38 -4.29 6.65
CA GLN A 95 29.70 -4.06 8.07
C GLN A 95 30.85 -3.05 8.22
N THR A 96 31.92 -3.24 7.47
CA THR A 96 33.09 -2.36 7.61
C THR A 96 32.72 -0.96 7.20
N ALA A 97 31.95 -0.84 6.13
CA ALA A 97 31.56 0.49 5.63
C ALA A 97 30.67 1.23 6.62
N LEU A 98 29.66 0.56 7.21
CA LEU A 98 28.67 1.26 7.98
C LEU A 98 29.10 1.47 9.44
N LEU A 99 30.11 0.75 9.91
CA LEU A 99 30.58 0.94 11.30
C LEU A 99 31.64 2.01 11.39
N ASN A 100 31.35 3.16 10.84
CA ASN A 100 32.21 4.32 10.90
C ASN A 100 31.41 5.51 11.43
N LYS A 101 32.12 6.42 12.09
CA LYS A 101 31.50 7.64 12.57
C LYS A 101 31.07 8.47 11.37
N PHE A 102 29.81 8.85 11.31
CA PHE A 102 29.34 9.84 10.35
C PHE A 102 29.31 11.18 11.07
N THR A 103 29.85 12.20 10.45
CA THR A 103 29.73 13.55 10.95
C THR A 103 29.28 14.51 9.90
N ARG A 104 29.35 14.11 8.63
CA ARG A 104 29.00 14.96 7.47
C ARG A 104 28.31 14.05 6.46
N PRO A 105 27.37 14.60 5.66
CA PRO A 105 26.63 13.73 4.74
C PRO A 105 27.47 13.01 3.71
N GLN A 106 28.61 13.56 3.32
CA GLN A 106 29.49 12.83 2.41
C GLN A 106 29.95 11.51 3.03
N ASN A 107 30.09 11.46 4.36
CA ASN A 107 30.53 10.22 4.99
C ASN A 107 29.53 9.11 4.74
N LEU A 108 28.22 9.44 4.80
CA LEU A 108 27.18 8.45 4.61
C LEU A 108 27.09 8.05 3.16
N LYS A 109 27.19 9.03 2.23
CA LYS A 109 27.23 8.68 0.84
C LYS A 109 28.41 7.74 0.54
N ASP A 110 29.60 8.07 1.06
CA ASP A 110 30.77 7.27 0.76
C ASP A 110 30.58 5.85 1.28
N ALA A 111 30.02 5.72 2.48
CA ALA A 111 29.77 4.41 3.09
C ALA A 111 28.87 3.54 2.21
N ILE A 112 27.72 4.07 1.82
CA ILE A 112 26.77 3.33 0.97
C ILE A 112 27.42 2.92 -0.33
N LEU A 113 28.22 3.80 -0.94
CA LEU A 113 28.87 3.46 -2.22
C LEU A 113 30.00 2.46 -2.10
N LYS A 114 30.53 2.21 -0.90
CA LYS A 114 31.62 1.24 -0.78
C LYS A 114 31.19 -0.17 -1.19
N TYR A 115 29.93 -0.51 -0.97
CA TYR A 115 29.38 -1.79 -1.40
C TYR A 115 28.40 -1.60 -2.56
N ASN A 116 28.47 -0.46 -3.25
CA ASN A 116 27.65 -0.17 -4.43
C ASN A 116 28.52 0.56 -5.46
N VAL A 117 29.75 0.08 -5.63
CA VAL A 117 30.73 0.79 -6.43
C VAL A 117 30.25 0.98 -7.85
N ALA A 118 29.49 0.03 -8.38
CA ALA A 118 29.03 0.10 -9.77
C ALA A 118 28.07 1.26 -10.00
N TYR A 119 27.49 1.83 -8.95
CA TYR A 119 26.51 2.91 -9.06
C TYR A 119 27.07 4.24 -8.57
N SER A 120 28.40 4.36 -8.46
CA SER A 120 28.97 5.56 -7.87
C SER A 120 28.86 6.77 -8.79
N LYS A 121 28.72 6.56 -10.09
CA LYS A 121 28.47 7.65 -11.04
C LYS A 121 27.03 7.69 -11.53
N LYS A 122 26.16 6.86 -11.01
CA LYS A 122 24.75 6.81 -11.36
C LYS A 122 23.83 7.34 -10.28
N TRP A 123 24.17 7.12 -9.03
CA TRP A 123 23.32 7.49 -7.91
C TRP A 123 23.66 8.89 -7.45
N ASP A 124 22.67 9.73 -7.37
CA ASP A 124 22.78 11.07 -6.87
C ASP A 124 22.32 11.13 -5.42
N PHE A 125 23.09 11.86 -4.60
CA PHE A 125 22.79 12.01 -3.18
C PHE A 125 22.45 13.44 -2.80
N THR A 126 22.12 14.29 -3.78
CA THR A 126 21.87 15.71 -3.51
C THR A 126 20.80 15.94 -2.44
N ALA A 127 19.67 15.20 -2.50
CA ALA A 127 18.64 15.42 -1.50
C ALA A 127 19.04 15.03 -0.09
N LEU A 128 19.88 13.99 0.06
CA LEU A 128 20.37 13.60 1.38
C LEU A 128 21.32 14.67 1.91
N ILE A 129 22.23 15.13 1.05
CA ILE A 129 23.17 16.18 1.46
C ILE A 129 22.42 17.46 1.83
N ASP A 130 21.45 17.83 1.02
CA ASP A 130 20.69 19.06 1.28
C ASP A 130 19.85 18.93 2.55
N PHE A 131 19.27 17.76 2.80
CA PHE A 131 18.45 17.61 3.99
C PHE A 131 19.32 17.83 5.22
N TRP A 132 20.49 17.18 5.23
CA TRP A 132 21.39 17.22 6.39
C TRP A 132 21.99 18.60 6.58
N ASP A 133 22.47 19.19 5.50
CA ASP A 133 23.22 20.44 5.58
C ASP A 133 22.33 21.68 5.49
N LYS A 134 21.23 21.60 4.74
CA LYS A 134 20.52 22.83 4.38
C LYS A 134 19.11 22.90 4.94
N VAL A 135 18.50 21.79 5.27
CA VAL A 135 17.15 21.79 5.90
C VAL A 135 17.25 21.71 7.41
N LEU A 136 17.98 20.71 7.92
CA LEU A 136 18.07 20.55 9.36
C LEU A 136 18.86 21.67 10.03
N GLU A 137 18.38 22.08 11.21
CA GLU A 137 19.18 22.91 12.11
C GLU A 137 20.35 22.10 12.65
N GLU A 138 21.32 22.80 13.24
CA GLU A 138 22.54 22.14 13.74
C GLU A 138 22.23 21.03 14.74
N ALA A 139 21.37 21.32 15.73
CA ALA A 139 21.09 20.30 16.75
C ALA A 139 20.34 19.10 16.17
N GLU A 140 19.48 19.33 15.16
CA GLU A 140 18.78 18.22 14.52
C GLU A 140 19.73 17.37 13.72
N ALA A 141 20.65 18.02 12.98
CA ALA A 141 21.69 17.27 12.26
C ALA A 141 22.55 16.48 13.22
N GLN A 142 22.95 17.10 14.35
CA GLN A 142 23.78 16.38 15.32
C GLN A 142 23.05 15.17 15.88
N HIS A 143 21.77 15.30 16.17
CA HIS A 143 21.01 14.15 16.63
C HIS A 143 20.91 13.08 15.56
N LEU A 144 20.79 13.48 14.27
CA LEU A 144 20.73 12.52 13.20
C LEU A 144 22.01 11.69 13.12
N TYR A 145 23.20 12.34 13.13
CA TYR A 145 24.41 11.53 12.97
C TYR A 145 24.97 10.97 14.28
N GLN A 146 24.63 11.55 15.42
CA GLN A 146 25.13 10.99 16.68
C GLN A 146 24.24 9.88 17.23
N SER A 147 22.97 9.87 16.89
CA SER A 147 21.99 8.96 17.47
C SER A 147 21.21 8.15 16.45
N ILE A 148 20.46 8.82 15.56
CA ILE A 148 19.54 8.10 14.70
C ILE A 148 20.28 7.21 13.72
N LEU A 149 21.22 7.77 12.95
CA LEU A 149 21.91 6.94 11.96
C LEU A 149 22.67 5.79 12.61
N PRO A 150 23.43 5.99 13.68
CA PRO A 150 24.12 4.84 14.28
C PRO A 150 23.15 3.76 14.74
N ASP A 151 21.98 4.17 15.27
CA ASP A 151 21.00 3.19 15.70
C ASP A 151 20.43 2.43 14.52
N MET A 152 20.23 3.12 13.39
CA MET A 152 19.75 2.46 12.20
C MET A 152 20.77 1.47 11.68
N VAL A 153 22.04 1.87 11.71
CA VAL A 153 23.12 0.93 11.32
C VAL A 153 23.05 -0.32 12.20
N LYS A 154 22.95 -0.15 13.51
CA LYS A 154 22.98 -1.32 14.41
C LYS A 154 21.81 -2.24 14.15
N ILE A 155 20.60 -1.70 13.92
CA ILE A 155 19.47 -2.64 13.65
C ILE A 155 19.63 -3.27 12.29
N ALA A 156 20.20 -2.55 11.29
CA ALA A 156 20.46 -3.17 10.01
C ALA A 156 21.45 -4.33 10.13
N LEU A 157 22.54 -4.15 10.88
CA LEU A 157 23.59 -5.14 10.93
C LEU A 157 23.18 -6.34 11.81
N LEU A 159 20.49 -7.88 11.22
CA LEU A 159 19.59 -8.68 10.39
C LEU A 159 19.67 -10.23 10.54
N PRO A 160 20.87 -10.85 10.54
CA PRO A 160 20.92 -12.31 10.60
C PRO A 160 20.39 -12.85 11.92
N ASN A 161 20.38 -12.07 12.98
CA ASN A 161 19.81 -12.49 14.25
C ASN A 161 18.35 -12.18 14.37
N ILE A 162 17.82 -11.34 13.47
CA ILE A 162 16.45 -10.88 13.52
C ILE A 162 15.59 -11.60 12.49
N CYS A 163 16.02 -11.60 11.23
CA CYS A 163 15.30 -12.28 10.14
C CYS A 163 15.97 -13.62 9.82
N THR A 164 15.76 -14.57 10.73
CA THR A 164 16.42 -15.85 10.64
C THR A 164 15.81 -16.80 9.63
N GLN A 165 14.61 -16.56 9.19
CA GLN A 165 13.90 -17.47 8.32
C GLN A 165 13.84 -16.89 6.90
N PRO A 166 14.14 -17.67 5.88
CA PRO A 166 14.03 -17.16 4.52
C PRO A 166 12.65 -16.61 4.24
N ILE A 167 12.61 -15.52 3.47
CA ILE A 167 11.36 -14.84 3.14
C ILE A 167 11.00 -15.18 1.69
N PRO A 168 9.88 -15.86 1.44
CA PRO A 168 9.57 -16.23 0.07
C PRO A 168 9.09 -15.01 -0.69
N LEU A 169 9.37 -15.00 -1.98
CA LEU A 169 8.77 -13.99 -2.83
C LEU A 169 7.30 -14.29 -2.97
N LEU A 170 6.46 -13.24 -2.89
CA LEU A 170 5.03 -13.36 -3.26
C LEU A 170 4.98 -13.11 -4.76
N ALA A 171 5.14 -14.17 -5.52
CA ALA A 171 5.26 -14.10 -6.97
C ALA A 171 3.87 -14.13 -7.60
N ALA A 172 3.84 -13.74 -8.86
CA ALA A 172 2.57 -13.69 -9.59
C ALA A 172 1.88 -15.07 -9.56
N ALA A 173 0.58 -15.06 -9.30
CA ALA A 173 -0.32 -16.20 -9.26
C ALA A 173 -0.22 -16.94 -7.93
N MET A 174 0.65 -16.55 -7.02
CA MET A 174 0.66 -17.16 -5.71
C MET A 174 -0.45 -16.60 -4.85
N ASN A 175 -1.11 -17.49 -4.12
CA ASN A 175 -1.99 -17.14 -3.01
C ASN A 175 -1.23 -17.53 -1.76
N HIS A 176 -0.61 -16.55 -1.12
CA HIS A 176 0.33 -16.86 -0.06
C HIS A 176 0.40 -15.68 0.88
N SER A 177 0.70 -15.96 2.15
CA SER A 177 0.80 -14.93 3.16
C SER A 177 2.10 -15.07 3.90
N ILE A 178 2.67 -13.91 4.31
CA ILE A 178 3.83 -13.82 5.19
C ILE A 178 3.43 -13.00 6.39
N THR A 179 3.60 -13.60 7.59
CA THR A 179 3.41 -12.86 8.82
C THR A 179 4.76 -12.76 9.54
N MET A 180 5.17 -11.52 9.84
CA MET A 180 6.47 -11.23 10.40
C MET A 180 6.30 -10.18 11.49
N SER A 181 7.33 -9.96 12.27
CA SER A 181 7.18 -8.95 13.30
C SER A 181 7.50 -7.56 12.77
N GLN A 182 6.92 -6.57 13.43
CA GLN A 182 7.28 -5.19 13.14
C GLN A 182 8.80 -4.96 13.35
N GLU A 183 9.42 -5.63 14.35
CA GLU A 183 10.86 -5.47 14.55
C GLU A 183 11.64 -6.04 13.39
N GLN A 184 11.24 -7.19 12.87
CA GLN A 184 11.90 -7.70 11.68
C GLN A 184 11.76 -6.76 10.49
N ILE A 185 10.57 -6.17 10.32
CA ILE A 185 10.41 -5.19 9.25
C ILE A 185 11.36 -3.99 9.42
N ALA A 186 11.54 -3.53 10.67
CA ALA A 186 12.42 -2.41 10.91
C ALA A 186 13.87 -2.72 10.53
N SER A 187 14.35 -3.93 10.81
CA SER A 187 15.70 -4.32 10.42
C SER A 187 15.83 -4.34 8.89
N LEU A 188 14.82 -4.89 8.19
CA LEU A 188 14.84 -4.93 6.74
C LEU A 188 14.77 -3.55 6.13
N LEU A 189 13.95 -2.65 6.72
CA LEU A 189 13.84 -1.31 6.14
C LEU A 189 15.12 -0.47 6.40
N ALA A 190 15.81 -0.72 7.51
CA ALA A 190 17.08 -0.05 7.74
C ALA A 190 18.09 -0.49 6.67
N ASN A 191 18.10 -1.78 6.34
CA ASN A 191 18.91 -2.26 5.25
C ASN A 191 18.53 -1.57 3.92
N ALA A 192 17.22 -1.43 3.66
CA ALA A 192 16.80 -0.73 2.42
C ALA A 192 17.30 0.71 2.42
N PHE A 193 17.21 1.38 3.58
CA PHE A 193 17.74 2.75 3.65
C PHE A 193 19.23 2.81 3.26
N PHE A 194 20.05 1.87 3.80
CA PHE A 194 21.48 1.80 3.48
C PHE A 194 21.75 1.10 2.15
N CYS A 195 20.70 0.77 1.40
CA CYS A 195 20.82 0.23 0.05
C CYS A 195 21.65 -1.07 0.00
N THR A 196 21.36 -2.01 0.91
CA THR A 196 22.15 -3.22 1.01
C THR A 196 21.59 -4.43 0.29
N PHE A 197 20.34 -4.36 -0.21
CA PHE A 197 19.78 -5.55 -0.86
C PHE A 197 20.42 -5.81 -2.22
N PRO A 198 21.01 -6.98 -2.42
CA PRO A 198 21.70 -7.25 -3.69
C PRO A 198 20.75 -7.69 -4.79
N ARG A 199 21.19 -7.46 -6.03
CA ARG A 199 20.42 -7.82 -7.22
C ARG A 199 19.16 -6.98 -7.41
N ARG A 200 19.05 -5.84 -6.73
CA ARG A 200 17.84 -5.02 -6.78
C ARG A 200 18.10 -3.62 -7.36
N ASN A 201 19.21 -3.44 -8.06
CA ASN A 201 19.65 -2.10 -8.43
C ASN A 201 19.76 -1.84 -9.92
N ALA A 202 20.09 -2.86 -10.71
CA ALA A 202 20.42 -2.63 -12.12
C ALA A 202 19.21 -2.21 -12.96
N LYS A 203 19.43 -1.21 -13.83
CA LYS A 203 18.37 -0.75 -14.71
C LYS A 203 17.89 -1.87 -15.64
N MET A 204 18.82 -2.67 -16.15
CA MET A 204 18.53 -3.73 -17.11
C MET A 204 18.54 -5.12 -16.47
N LYS A 205 18.18 -5.22 -15.21
CA LYS A 205 18.15 -6.53 -14.55
C LYS A 205 17.11 -7.43 -15.20
N SER A 206 17.44 -8.72 -15.31
CA SER A 206 16.43 -9.74 -15.64
C SER A 206 15.74 -10.19 -14.36
N GLU A 207 16.49 -10.80 -13.46
CA GLU A 207 15.95 -11.12 -12.13
C GLU A 207 15.44 -9.85 -11.49
N TYR A 208 14.25 -9.94 -10.89
CA TYR A 208 13.62 -8.86 -10.15
C TYR A 208 13.17 -7.69 -11.02
N SER A 209 13.18 -7.85 -12.34
CA SER A 209 12.67 -6.76 -13.18
C SER A 209 11.17 -6.55 -13.00
N SER A 210 10.46 -7.59 -12.59
CA SER A 210 9.03 -7.51 -12.31
C SER A 210 8.74 -7.18 -10.84
N TYR A 211 9.72 -6.70 -10.09
CA TYR A 211 9.54 -6.33 -8.69
C TYR A 211 9.79 -4.83 -8.50
N PRO A 212 9.19 -4.19 -7.51
CA PRO A 212 9.47 -2.76 -7.29
C PRO A 212 10.89 -2.58 -6.78
N ASP A 213 11.36 -1.32 -6.88
CA ASP A 213 12.60 -0.94 -6.22
C ASP A 213 12.41 -1.10 -4.71
N ILE A 214 13.45 -1.55 -4.03
CA ILE A 214 13.42 -1.60 -2.57
C ILE A 214 14.48 -0.72 -1.94
N ASN A 215 15.72 -0.75 -2.45
CA ASN A 215 16.75 0.11 -1.89
C ASN A 215 16.33 1.57 -2.05
N PHE A 216 16.73 2.41 -1.09
CA PHE A 216 16.20 3.77 -1.00
C PHE A 216 17.02 4.81 -1.78
N ASN A 217 17.91 4.41 -2.68
CA ASN A 217 18.82 5.40 -3.27
C ASN A 217 18.07 6.55 -3.96
N ARG A 218 16.93 6.28 -4.58
CA ARG A 218 16.24 7.38 -5.29
C ARG A 218 15.63 8.38 -4.36
N LEU A 219 15.52 8.05 -3.08
CA LEU A 219 15.04 9.02 -2.09
C LEU A 219 16.10 10.11 -1.85
N PHE A 220 17.34 9.85 -2.21
CA PHE A 220 18.46 10.75 -1.97
C PHE A 220 18.74 11.65 -3.15
N GLU A 221 18.00 11.49 -4.25
N GLU A 221 18.00 11.51 -4.25
CA GLU A 221 18.24 12.18 -5.51
CA GLU A 221 18.34 12.20 -5.49
C GLU A 221 17.51 13.52 -5.59
C GLU A 221 17.52 13.47 -5.69
N GLY A 222 18.17 14.49 -6.22
CA GLY A 222 17.49 15.69 -6.70
C GLY A 222 17.18 16.74 -5.64
N ARG A 223 16.37 17.76 -6.05
CA ARG A 223 16.13 18.91 -5.19
C ARG A 223 14.68 19.22 -4.98
N SER A 224 13.80 18.23 -5.13
CA SER A 224 12.39 18.48 -4.91
C SER A 224 12.19 18.93 -3.47
N SER A 225 11.30 19.92 -3.27
CA SER A 225 10.98 20.29 -1.90
C SER A 225 10.22 19.18 -1.21
N ARG A 226 9.79 18.17 -1.96
CA ARG A 226 9.12 17.02 -1.31
C ARG A 226 10.09 16.11 -0.57
N LYS A 227 11.37 16.04 -1.00
CA LYS A 227 12.27 15.06 -0.38
C LYS A 227 12.50 15.30 1.10
N PRO A 228 12.65 16.55 1.57
CA PRO A 228 12.83 16.76 3.00
C PRO A 228 11.63 16.28 3.77
N GLU A 229 10.44 16.42 3.21
CA GLU A 229 9.25 15.94 3.90
C GLU A 229 9.21 14.44 3.94
N LYS A 230 9.59 13.76 2.84
CA LYS A 230 9.69 12.31 2.86
C LYS A 230 10.72 11.85 3.88
N LEU A 231 11.89 12.51 3.91
CA LEU A 231 12.94 12.11 4.85
C LEU A 231 12.56 12.40 6.30
N LYS A 232 11.87 13.52 6.55
CA LYS A 232 11.39 13.75 7.92
C LYS A 232 10.42 12.66 8.35
N THR A 233 9.57 12.24 7.42
CA THR A 233 8.57 11.22 7.76
C THR A 233 9.23 9.89 8.04
N LEU A 234 10.22 9.52 7.24
CA LEU A 234 10.87 8.23 7.43
C LEU A 234 11.77 8.24 8.65
N PHE A 235 12.51 9.34 8.88
CA PHE A 235 13.34 9.36 10.09
C PHE A 235 12.51 9.40 11.36
N CYS A 236 11.30 9.96 11.30
CA CYS A 236 10.37 9.84 12.43
C CYS A 236 10.15 8.39 12.79
N TYR A 237 9.82 7.59 11.79
CA TYR A 237 9.66 6.14 11.96
C TYR A 237 10.96 5.49 12.48
N PHE A 238 12.08 5.77 11.86
CA PHE A 238 13.31 5.09 12.25
C PHE A 238 13.69 5.44 13.66
N ARG A 239 13.48 6.70 14.06
CA ARG A 239 13.81 7.10 15.43
C ARG A 239 12.93 6.34 16.43
N ARG A 240 11.66 6.15 16.09
CA ARG A 240 10.73 5.47 16.98
C ARG A 240 11.09 4.00 17.15
N VAL A 241 11.35 3.29 16.05
CA VAL A 241 11.48 1.84 16.15
C VAL A 241 12.89 1.38 16.55
N THR A 242 13.89 2.23 16.38
CA THR A 242 15.19 1.92 17.00
C THR A 242 15.21 2.25 18.48
N ALA A 243 14.47 3.24 18.93
CA ALA A 243 14.46 3.63 20.34
C ALA A 243 13.70 2.60 21.18
N ALA A 244 12.58 2.12 20.67
CA ALA A 244 11.77 1.13 21.40
C ALA A 244 11.18 0.18 20.36
N ALA A 245 11.60 -1.07 20.41
CA ALA A 245 11.15 -2.04 19.42
C ALA A 245 9.62 -2.19 19.47
N PRO A 246 8.94 -2.06 18.34
CA PRO A 246 7.52 -2.41 18.28
C PRO A 246 7.33 -3.89 18.52
N THR A 247 6.16 -4.23 19.12
CA THR A 247 5.95 -5.57 19.58
C THR A 247 4.99 -6.41 18.76
N GLY A 248 4.37 -5.85 17.73
CA GLY A 248 3.31 -6.54 17.04
C GLY A 248 3.81 -7.22 15.77
N LEU A 249 2.83 -7.78 15.05
CA LEU A 249 3.04 -8.50 13.82
C LEU A 249 2.31 -7.81 12.67
N VAL A 250 2.76 -8.13 11.45
CA VAL A 250 2.14 -7.66 10.22
C VAL A 250 2.01 -8.84 9.26
N THR A 251 0.89 -8.91 8.55
CA THR A 251 0.65 -9.96 7.57
C THR A 251 0.58 -9.34 6.20
N PHE A 252 1.25 -9.96 5.25
CA PHE A 252 1.21 -9.58 3.82
C PHE A 252 0.61 -10.75 3.06
N THR A 253 -0.49 -10.51 2.36
CA THR A 253 -1.19 -11.58 1.65
C THR A 253 -1.37 -11.21 0.20
N ARG A 254 -0.80 -12.02 -0.68
CA ARG A 254 -1.08 -11.89 -2.11
C ARG A 254 -2.32 -12.74 -2.42
N GLN A 255 -3.32 -12.11 -3.08
CA GLN A 255 -4.54 -12.80 -3.44
C GLN A 255 -4.79 -12.69 -4.94
N SER A 256 -5.04 -13.84 -5.55
CA SER A 256 -5.22 -13.98 -6.98
C SER A 256 -6.47 -14.81 -7.16
N LEU A 257 -7.47 -14.27 -7.89
CA LEU A 257 -8.72 -14.97 -8.08
C LEU A 257 -8.89 -15.42 -9.54
N GLU A 258 -9.53 -16.55 -9.72
CA GLU A 258 -9.81 -17.09 -11.05
C GLU A 258 -11.27 -16.94 -11.45
N ASP A 259 -12.20 -17.18 -10.52
CA ASP A 259 -13.64 -17.17 -10.83
C ASP A 259 -14.17 -15.78 -10.51
N PHE A 260 -14.41 -15.01 -11.55
CA PHE A 260 -14.97 -13.67 -11.40
C PHE A 260 -16.46 -13.67 -11.76
N PRO A 261 -17.23 -12.74 -11.20
CA PRO A 261 -18.66 -12.75 -11.45
C PRO A 261 -18.95 -12.56 -12.93
N GLU A 262 -20.07 -13.15 -13.35
CA GLU A 262 -20.73 -12.80 -14.62
C GLU A 262 -21.54 -11.54 -14.33
N TRP A 263 -20.90 -10.38 -14.49
CA TRP A 263 -21.47 -9.15 -13.97
C TRP A 263 -22.83 -8.86 -14.55
N GLU A 264 -23.03 -9.18 -15.83
CA GLU A 264 -24.31 -8.92 -16.48
C GLU A 264 -25.44 -9.74 -15.87
N ARG A 265 -25.13 -10.85 -15.22
CA ARG A 265 -26.16 -11.76 -14.68
C ARG A 265 -26.19 -11.75 -13.17
N CYS A 266 -25.48 -10.83 -12.52
CA CYS A 266 -25.40 -10.78 -11.07
C CYS A 266 -26.70 -10.21 -10.50
N GLU A 267 -27.44 -11.02 -9.72
CA GLU A 267 -28.71 -10.59 -9.18
C GLU A 267 -28.59 -9.97 -7.79
N LYS A 268 -27.37 -9.75 -7.29
CA LYS A 268 -27.19 -9.18 -5.96
C LYS A 268 -27.63 -7.72 -5.89
N PRO A 269 -28.21 -7.30 -4.77
CA PRO A 269 -28.54 -5.88 -4.59
C PRO A 269 -27.32 -5.04 -4.22
N LEU A 270 -27.47 -3.72 -4.38
CA LEU A 270 -26.41 -2.83 -3.89
C LEU A 270 -26.43 -2.84 -2.37
N THR A 271 -25.30 -2.51 -1.80
CA THR A 271 -25.13 -2.40 -0.35
C THR A 271 -25.20 -0.93 0.07
N ARG A 272 -24.84 -0.65 1.32
CA ARG A 272 -25.05 0.67 1.89
C ARG A 272 -23.89 1.59 1.54
N LEU A 273 -24.18 2.89 1.52
CA LEU A 273 -23.18 3.90 1.19
C LEU A 273 -23.19 5.03 2.21
N HIS A 274 -22.02 5.39 2.70
CA HIS A 274 -21.76 6.66 3.37
C HIS A 274 -20.79 7.43 2.48
N VAL A 275 -21.14 8.67 2.09
CA VAL A 275 -20.25 9.45 1.23
C VAL A 275 -20.07 10.83 1.84
N THR A 276 -18.83 11.31 1.85
CA THR A 276 -18.51 12.55 2.55
C THR A 276 -17.37 13.27 1.88
N TYR A 277 -17.41 14.60 1.91
CA TYR A 277 -16.31 15.39 1.40
C TYR A 277 -15.33 15.85 2.48
N GLU A 278 -15.52 15.45 3.72
CA GLU A 278 -14.58 15.69 4.81
C GLU A 278 -13.98 14.37 5.26
N GLY A 279 -12.89 14.46 5.97
CA GLY A 279 -12.25 13.28 6.55
C GLY A 279 -11.26 12.65 5.60
N THR A 280 -10.64 11.57 6.09
CA THR A 280 -9.66 10.82 5.35
C THR A 280 -9.92 9.32 5.54
N ILE A 281 -9.41 8.54 4.59
CA ILE A 281 -9.48 7.09 4.68
C ILE A 281 -8.79 6.57 5.95
N GLU A 282 -7.57 7.07 6.21
CA GLU A 282 -6.79 6.45 7.30
C GLU A 282 -7.28 6.85 8.68
N GLU A 283 -7.93 7.99 8.84
CA GLU A 283 -8.42 8.38 10.13
C GLU A 283 -9.91 8.05 10.29
N ASN A 284 -10.75 8.48 9.35
CA ASN A 284 -12.18 8.24 9.51
C ASN A 284 -12.58 6.84 9.11
N GLY A 285 -11.74 6.10 8.42
CA GLY A 285 -11.96 4.71 8.05
C GLY A 285 -11.26 3.71 8.95
N GLN A 286 -11.04 4.10 10.21
CA GLN A 286 -10.43 3.20 11.20
C GLN A 286 -11.19 1.88 11.28
N GLY A 287 -10.46 0.76 11.13
CA GLY A 287 -11.05 -0.55 11.25
C GLY A 287 -11.79 -1.03 10.00
N MET A 288 -11.77 -0.22 8.96
CA MET A 288 -12.44 -0.60 7.73
C MET A 288 -11.38 -1.09 6.74
N LEU A 289 -11.85 -1.70 5.65
CA LEU A 289 -10.91 -2.10 4.61
C LEU A 289 -10.48 -0.84 3.83
N GLN A 290 -9.22 -0.43 3.97
CA GLN A 290 -8.75 0.86 3.48
C GLN A 290 -8.07 0.61 2.13
N VAL A 291 -8.59 1.27 1.10
CA VAL A 291 -8.03 1.10 -0.22
C VAL A 291 -6.78 1.96 -0.38
N ASP A 292 -5.75 1.34 -0.88
CA ASP A 292 -4.55 2.00 -1.38
C ASP A 292 -4.66 2.08 -2.89
N PHE A 293 -4.70 3.33 -3.40
CA PHE A 293 -4.81 3.58 -4.86
C PHE A 293 -3.44 3.28 -5.46
N ALA A 294 -3.16 2.00 -5.70
CA ALA A 294 -1.82 1.50 -5.86
C ALA A 294 -1.33 1.62 -7.30
N ASN A 295 -0.01 1.64 -7.42
CA ASN A 295 0.66 1.28 -8.68
C ASN A 295 0.76 -0.23 -8.76
N ARG A 296 0.75 -0.79 -9.99
CA ARG A 296 0.94 -2.24 -10.11
C ARG A 296 2.24 -2.69 -9.44
N PHE A 297 3.26 -1.84 -9.44
CA PHE A 297 4.44 -2.01 -8.59
C PHE A 297 4.11 -1.37 -7.25
N VAL A 298 3.78 -2.20 -6.26
CA VAL A 298 3.16 -1.67 -5.04
C VAL A 298 4.06 -0.64 -4.40
N GLY A 299 3.44 0.45 -3.91
CA GLY A 299 4.14 1.55 -3.33
C GLY A 299 4.47 2.67 -4.28
N GLY A 300 4.38 2.42 -5.56
CA GLY A 300 4.62 3.47 -6.54
C GLY A 300 5.95 4.16 -6.39
N GLY A 301 5.90 5.51 -6.31
CA GLY A 301 7.13 6.25 -6.15
C GLY A 301 7.51 6.63 -4.73
N VAL A 302 7.15 5.78 -3.74
CA VAL A 302 7.35 6.19 -2.37
C VAL A 302 8.79 6.55 -2.08
N THR A 303 9.73 5.75 -2.53
CA THR A 303 11.16 6.05 -2.30
C THR A 303 11.83 6.54 -3.57
N SER A 304 11.05 7.19 -4.43
CA SER A 304 11.57 8.00 -5.53
C SER A 304 10.81 9.33 -5.52
N ALA A 305 10.08 9.67 -6.58
CA ALA A 305 9.49 11.00 -6.73
C ALA A 305 7.96 11.14 -6.50
N GLY A 306 7.22 10.09 -6.24
CA GLY A 306 5.78 10.25 -6.05
C GLY A 306 5.36 10.66 -4.63
N LEU A 307 4.23 11.36 -4.54
CA LEU A 307 3.73 11.77 -3.25
C LEU A 307 2.21 12.04 -3.31
N VAL A 308 1.47 11.13 -3.89
CA VAL A 308 0.02 11.19 -3.78
C VAL A 308 -0.45 10.08 -2.84
N GLN A 309 -1.68 9.59 -2.99
CA GLN A 309 -2.32 8.84 -1.92
C GLN A 309 -1.51 7.60 -1.50
N GLU A 310 -1.06 6.80 -2.44
CA GLU A 310 -0.33 5.59 -2.07
C GLU A 310 0.97 5.93 -1.38
N GLU A 311 1.74 6.87 -1.92
CA GLU A 311 3.04 7.20 -1.32
C GLU A 311 2.86 7.76 0.07
N ILE A 312 1.88 8.67 0.27
CA ILE A 312 1.62 9.20 1.60
C ILE A 312 1.34 8.07 2.58
N ARG A 313 0.50 7.11 2.22
CA ARG A 313 0.20 6.04 3.17
C ARG A 313 1.44 5.19 3.49
N PHE A 314 2.26 4.90 2.45
CA PHE A 314 3.49 4.13 2.63
C PHE A 314 4.50 4.93 3.48
N LEU A 315 4.42 6.26 3.51
CA LEU A 315 5.34 7.04 4.33
C LEU A 315 4.89 7.14 5.79
N ILE A 316 3.60 7.30 6.03
CA ILE A 316 3.12 7.43 7.40
C ILE A 316 2.96 6.06 8.07
N ASN A 317 2.83 4.97 7.31
CA ASN A 317 2.85 3.59 7.81
C ASN A 317 4.00 2.88 7.06
N PRO A 318 5.27 3.15 7.43
CA PRO A 318 6.38 2.65 6.59
C PRO A 318 6.51 1.15 6.54
N GLU A 319 5.88 0.40 7.45
CA GLU A 319 5.94 -1.04 7.34
C GLU A 319 5.33 -1.51 5.99
N LEU A 320 4.45 -0.69 5.40
CA LEU A 320 3.97 -1.02 4.06
C LEU A 320 5.11 -1.13 3.05
N ILE A 321 6.16 -0.30 3.19
CA ILE A 321 7.24 -0.23 2.20
C ILE A 321 7.89 -1.58 2.00
N ILE A 322 7.95 -2.41 3.03
CA ILE A 322 8.68 -3.67 2.89
C ILE A 322 7.95 -4.64 1.95
N SER A 323 6.67 -4.38 1.63
CA SER A 323 6.02 -5.18 0.61
C SER A 323 6.78 -5.13 -0.69
N ARG A 324 7.49 -4.05 -0.94
CA ARG A 324 8.29 -3.97 -2.15
C ARG A 324 9.47 -4.93 -2.20
N LEU A 325 9.94 -5.41 -1.04
CA LEU A 325 11.02 -6.38 -1.05
C LEU A 325 10.59 -7.68 -1.73
N PHE A 326 9.33 -8.09 -1.53
CA PHE A 326 8.97 -9.46 -1.92
C PHE A 326 7.67 -9.55 -2.75
N THR A 327 7.05 -8.43 -3.15
CA THR A 327 5.79 -8.51 -3.90
C THR A 327 6.00 -8.22 -5.38
N GLU A 328 5.80 -9.23 -6.22
CA GLU A 328 5.93 -9.07 -7.66
C GLU A 328 4.81 -8.16 -8.15
N VAL A 329 5.10 -7.46 -9.25
CA VAL A 329 4.09 -6.62 -9.90
C VAL A 329 2.77 -7.35 -10.00
N LEU A 330 1.69 -6.61 -9.71
CA LEU A 330 0.36 -7.20 -9.68
C LEU A 330 -0.17 -7.42 -11.10
N ASP A 331 -0.70 -8.62 -11.34
CA ASP A 331 -1.43 -8.88 -12.57
C ASP A 331 -2.89 -8.45 -12.39
N HIS A 332 -3.66 -8.53 -13.48
CA HIS A 332 -4.98 -7.92 -13.47
C HIS A 332 -5.91 -8.54 -12.44
N ASN A 333 -5.71 -9.83 -12.12
CA ASN A 333 -6.61 -10.52 -11.22
C ASN A 333 -6.06 -10.60 -9.80
N GLU A 334 -5.12 -9.74 -9.43
CA GLU A 334 -4.43 -9.84 -8.14
C GLU A 334 -4.49 -8.56 -7.33
N CYS A 335 -4.32 -8.74 -6.02
CA CYS A 335 -4.16 -7.63 -5.09
C CYS A 335 -3.22 -8.07 -3.96
N LEU A 336 -2.82 -7.11 -3.14
CA LEU A 336 -2.02 -7.32 -1.94
C LEU A 336 -2.77 -6.73 -0.75
N ILE A 337 -2.97 -7.56 0.28
CA ILE A 337 -3.71 -7.22 1.48
C ILE A 337 -2.70 -7.18 2.62
N ILE A 338 -2.61 -6.06 3.32
CA ILE A 338 -1.65 -5.89 4.42
C ILE A 338 -2.42 -5.57 5.69
N THR A 339 -2.22 -6.38 6.72
CA THR A 339 -2.92 -6.24 7.98
C THR A 339 -1.90 -6.02 9.07
N GLY A 340 -2.06 -4.94 9.84
CA GLY A 340 -1.26 -4.71 11.02
C GLY A 340 -0.23 -3.57 10.94
N THR A 341 -0.16 -2.83 9.83
CA THR A 341 0.80 -1.76 9.79
C THR A 341 0.34 -0.64 10.71
N GLU A 342 1.32 -0.01 11.34
CA GLU A 342 1.16 1.03 12.35
C GLU A 342 1.42 2.40 11.74
N GLN A 343 0.67 3.39 12.21
CA GLN A 343 0.88 4.77 11.80
C GLN A 343 1.87 5.46 12.76
N TYR A 344 2.98 5.99 12.20
CA TYR A 344 4.01 6.62 12.97
C TYR A 344 4.07 8.12 12.81
N SER A 345 3.40 8.68 11.76
CA SER A 345 3.45 10.11 11.49
C SER A 345 2.07 10.65 11.21
N GLU A 346 1.90 11.95 11.46
CA GLU A 346 0.77 12.75 10.97
C GLU A 346 1.35 13.70 9.93
N TYR A 347 0.49 14.16 9.04
CA TYR A 347 0.88 14.97 7.90
C TYR A 347 -0.23 15.98 7.61
N THR A 348 0.11 16.98 6.81
CA THR A 348 -0.85 17.90 6.22
C THR A 348 -0.58 17.98 4.72
N GLY A 349 -1.55 18.51 4.00
CA GLY A 349 -1.40 18.68 2.60
C GLY A 349 -1.47 17.40 1.81
N TYR A 350 -0.98 17.48 0.59
CA TYR A 350 -1.13 16.41 -0.40
C TYR A 350 -0.26 16.76 -1.57
N ALA A 351 0.38 15.78 -2.16
CA ALA A 351 1.32 16.04 -3.24
C ALA A 351 2.25 17.22 -3.00
N GLU A 352 2.22 18.26 -3.86
CA GLU A 352 3.20 19.32 -3.73
C GLU A 352 3.08 20.08 -2.41
N THR A 353 1.95 19.94 -1.69
CA THR A 353 1.82 20.60 -0.39
C THR A 353 2.01 19.62 0.78
N TYR A 354 2.36 18.37 0.52
CA TYR A 354 2.56 17.43 1.63
C TYR A 354 3.64 17.95 2.58
N ARG A 355 3.32 17.93 3.87
CA ARG A 355 4.31 18.22 4.90
C ARG A 355 4.18 17.22 6.04
N TRP A 356 5.31 16.73 6.54
CA TRP A 356 5.33 16.02 7.83
C TRP A 356 4.91 16.95 8.93
N SER A 357 4.00 16.48 9.81
CA SER A 357 3.47 17.32 10.89
C SER A 357 4.11 17.00 12.24
N ARG A 358 4.10 15.74 12.62
CA ARG A 358 4.49 15.34 13.98
C ARG A 358 4.46 13.83 14.05
N SER A 359 5.07 13.32 15.12
CA SER A 359 5.01 11.90 15.43
C SER A 359 3.56 11.56 15.84
N HIS A 360 3.15 10.37 15.51
CA HIS A 360 1.80 9.86 15.79
C HIS A 360 1.90 8.63 16.68
N GLU A 361 1.15 8.62 17.79
CA GLU A 361 1.04 7.43 18.63
C GLU A 361 -0.20 6.66 18.23
N ASP A 362 -0.01 5.48 17.64
CA ASP A 362 -1.12 4.71 17.05
C ASP A 362 -1.91 4.09 18.21
N GLY A 363 -3.20 4.35 18.23
CA GLY A 363 -4.08 3.82 19.26
C GLY A 363 -4.93 2.65 18.82
N SER A 364 -4.71 2.13 17.63
CA SER A 364 -5.49 0.99 17.15
C SER A 364 -5.32 -0.17 18.15
N GLU A 365 -6.40 -0.89 18.37
CA GLU A 365 -6.33 -2.16 19.06
C GLU A 365 -5.53 -3.16 18.25
N ARG A 366 -5.04 -4.21 18.93
CA ARG A 366 -4.40 -5.32 18.24
C ARG A 366 -5.32 -6.54 18.31
N ASP A 367 -5.25 -7.35 17.27
CA ASP A 367 -6.04 -8.57 17.20
C ASP A 367 -5.28 -9.69 17.90
N ASP A 368 -5.82 -10.91 17.81
CA ASP A 368 -5.26 -12.01 18.56
C ASP A 368 -3.94 -12.52 18.00
N TRP A 369 -3.52 -12.04 16.85
CA TRP A 369 -2.17 -12.25 16.34
C TRP A 369 -1.24 -11.03 16.61
N GLN A 370 -1.63 -10.16 17.54
CA GLN A 370 -0.90 -8.96 17.85
C GLN A 370 -0.68 -8.06 16.62
N ARG A 371 -1.64 -8.07 15.68
CA ARG A 371 -1.63 -7.16 14.54
C ARG A 371 -2.53 -5.95 14.83
N ARG A 372 -2.02 -4.73 14.59
CA ARG A 372 -2.92 -3.58 14.61
C ARG A 372 -4.14 -3.86 13.75
N CYS A 373 -5.30 -3.42 14.23
CA CYS A 373 -6.59 -3.63 13.51
C CYS A 373 -6.71 -2.60 12.39
N THR A 374 -5.79 -2.70 11.42
CA THR A 374 -5.71 -1.82 10.27
C THR A 374 -5.44 -2.71 9.08
N GLU A 375 -6.35 -2.71 8.13
CA GLU A 375 -6.28 -3.56 6.95
C GLU A 375 -6.28 -2.71 5.70
N ILE A 376 -5.25 -2.82 4.88
CA ILE A 376 -5.07 -1.99 3.69
C ILE A 376 -4.99 -2.92 2.49
N VAL A 377 -5.68 -2.58 1.41
CA VAL A 377 -5.56 -3.39 0.22
C VAL A 377 -5.02 -2.54 -0.93
N ALA A 378 -3.97 -3.03 -1.56
CA ALA A 378 -3.38 -2.40 -2.76
C ALA A 378 -4.06 -2.95 -4.01
N ILE A 379 -4.84 -2.09 -4.68
CA ILE A 379 -5.43 -2.42 -5.98
C ILE A 379 -5.05 -1.31 -6.94
N ASP A 380 -4.50 -1.70 -8.09
CA ASP A 380 -4.00 -0.78 -9.08
C ASP A 380 -5.07 -0.55 -10.14
N ALA A 381 -5.47 0.69 -10.35
CA ALA A 381 -6.31 1.07 -11.48
C ALA A 381 -5.51 1.12 -12.76
N LEU A 382 -6.23 1.13 -13.86
CA LEU A 382 -5.62 1.29 -15.17
C LEU A 382 -5.27 2.75 -15.45
N HIS A 383 -4.24 2.96 -16.26
CA HIS A 383 -3.88 4.29 -16.72
C HIS A 383 -4.41 4.48 -18.14
N PHE A 384 -5.30 5.43 -18.32
CA PHE A 384 -5.99 5.63 -19.58
C PHE A 384 -5.33 6.75 -20.37
N ARG A 385 -4.87 6.43 -21.59
CA ARG A 385 -4.30 7.45 -22.48
C ARG A 385 -5.38 8.42 -22.94
N ARG A 386 -6.56 7.90 -23.26
CA ARG A 386 -7.68 8.70 -23.70
C ARG A 386 -8.83 8.48 -22.71
N TYR A 387 -9.53 9.56 -22.39
CA TYR A 387 -10.63 9.50 -21.43
C TYR A 387 -11.65 8.42 -21.77
N LEU A 388 -12.09 8.35 -23.03
CA LEU A 388 -13.14 7.42 -23.43
C LEU A 388 -12.68 5.97 -23.36
N ASP A 389 -11.38 5.70 -23.25
CA ASP A 389 -10.93 4.32 -23.25
C ASP A 389 -11.53 3.55 -22.07
N GLN A 390 -11.80 4.23 -20.95
CA GLN A 390 -12.20 3.53 -19.75
C GLN A 390 -13.63 3.05 -19.78
N PHE A 391 -14.45 3.51 -20.74
CA PHE A 391 -15.80 3.01 -20.90
C PHE A 391 -15.88 1.77 -21.78
N VAL A 392 -14.78 1.37 -22.40
CA VAL A 392 -14.80 0.12 -23.17
C VAL A 392 -15.15 -1.03 -22.23
N PRO A 393 -16.06 -1.93 -22.60
CA PRO A 393 -16.50 -2.96 -21.64
C PRO A 393 -15.38 -3.80 -21.05
N GLU A 394 -14.38 -4.20 -21.85
CA GLU A 394 -13.25 -4.96 -21.31
C GLU A 394 -12.52 -4.20 -20.20
N LYS A 395 -12.45 -2.88 -20.32
N LYS A 395 -12.43 -2.88 -20.33
CA LYS A 395 -11.74 -2.08 -19.32
CA LYS A 395 -11.76 -2.06 -19.34
C LYS A 395 -12.61 -1.79 -18.11
C LYS A 395 -12.62 -1.86 -18.10
N MET A 396 -13.92 -1.68 -18.28
CA MET A 396 -14.81 -1.60 -17.11
C MET A 396 -14.79 -2.91 -16.35
N ARG A 397 -14.89 -4.04 -17.08
CA ARG A 397 -14.87 -5.35 -16.41
C ARG A 397 -13.56 -5.56 -15.65
N ARG A 398 -12.43 -5.15 -16.25
CA ARG A 398 -11.13 -5.27 -15.61
C ARG A 398 -11.13 -4.54 -14.27
N GLU A 399 -11.60 -3.28 -14.26
CA GLU A 399 -11.60 -2.51 -13.01
C GLU A 399 -12.57 -3.13 -11.99
N LEU A 400 -13.73 -3.61 -12.47
CA LEU A 400 -14.67 -4.30 -11.59
C LEU A 400 -14.01 -5.52 -10.93
N ASN A 401 -13.36 -6.37 -11.73
CA ASN A 401 -12.72 -7.57 -11.21
C ASN A 401 -11.53 -7.25 -10.32
N LYS A 402 -10.83 -6.16 -10.60
CA LYS A 402 -9.71 -5.77 -9.73
C LYS A 402 -10.22 -5.37 -8.34
N ALA A 403 -11.24 -4.50 -8.30
CA ALA A 403 -11.82 -4.10 -7.04
C ALA A 403 -12.44 -5.30 -6.33
N TYR A 404 -13.13 -6.18 -7.07
CA TYR A 404 -13.75 -7.34 -6.47
C TYR A 404 -12.70 -8.20 -5.78
N CYS A 405 -11.59 -8.47 -6.48
CA CYS A 405 -10.51 -9.24 -5.87
C CYS A 405 -10.01 -8.57 -4.59
N GLY A 406 -9.88 -7.25 -4.60
CA GLY A 406 -9.42 -6.51 -3.42
C GLY A 406 -10.42 -6.54 -2.27
N PHE A 407 -11.71 -6.65 -2.57
CA PHE A 407 -12.74 -6.66 -1.52
C PHE A 407 -13.17 -8.05 -1.08
N LEU A 408 -13.03 -9.07 -1.93
CA LEU A 408 -13.54 -10.39 -1.61
C LEU A 408 -12.68 -11.09 -0.56
N ARG A 409 -13.34 -11.71 0.42
CA ARG A 409 -12.66 -12.53 1.43
C ARG A 409 -13.33 -13.89 1.38
N PRO A 410 -12.79 -14.82 0.57
CA PRO A 410 -13.52 -16.05 0.20
C PRO A 410 -14.30 -16.76 1.29
N GLY A 411 -13.66 -17.06 2.41
CA GLY A 411 -14.31 -17.88 3.42
C GLY A 411 -14.82 -17.12 4.62
N VAL A 412 -15.47 -15.96 4.37
CA VAL A 412 -15.92 -15.08 5.44
C VAL A 412 -17.36 -14.68 5.20
N SER A 413 -18.18 -14.76 6.24
CA SER A 413 -19.55 -14.25 6.16
C SER A 413 -19.57 -12.73 6.04
N SER A 414 -20.57 -12.21 5.32
CA SER A 414 -20.66 -10.77 5.10
C SER A 414 -20.85 -9.99 6.40
N GLU A 415 -21.50 -10.60 7.40
CA GLU A 415 -21.65 -9.95 8.69
C GLU A 415 -20.31 -9.73 9.37
N ASN A 416 -19.28 -10.47 9.00
CA ASN A 416 -17.95 -10.32 9.60
C ASN A 416 -17.01 -9.47 8.73
N LEU A 417 -17.53 -8.82 7.68
CA LEU A 417 -16.71 -8.01 6.82
C LEU A 417 -16.92 -6.53 7.13
N SER A 418 -15.82 -5.82 7.37
CA SER A 418 -15.92 -4.38 7.53
C SER A 418 -16.34 -3.66 6.23
N ALA A 419 -16.81 -2.44 6.40
CA ALA A 419 -17.05 -1.60 5.23
C ALA A 419 -15.73 -1.34 4.48
N VAL A 420 -15.84 -0.98 3.20
CA VAL A 420 -14.70 -0.55 2.37
C VAL A 420 -14.59 0.96 2.48
N ALA A 421 -13.41 1.46 2.82
CA ALA A 421 -13.12 2.89 2.91
C ALA A 421 -12.28 3.28 1.69
N THR A 422 -12.86 4.12 0.84
CA THR A 422 -12.21 4.37 -0.44
C THR A 422 -12.53 5.77 -0.95
N GLY A 423 -12.16 6.03 -2.20
CA GLY A 423 -12.36 7.35 -2.78
C GLY A 423 -12.16 7.24 -4.29
N ASN A 424 -11.66 8.32 -4.90
CA ASN A 424 -11.57 8.41 -6.38
C ASN A 424 -10.34 7.66 -6.90
N TRP A 425 -10.43 6.32 -6.81
CA TRP A 425 -9.40 5.40 -7.22
C TRP A 425 -9.06 5.61 -8.71
N GLY A 426 -7.81 5.91 -8.99
CA GLY A 426 -7.30 5.98 -10.32
C GLY A 426 -7.72 7.24 -11.07
N CYS A 427 -8.19 8.27 -10.36
CA CYS A 427 -8.74 9.47 -10.97
C CYS A 427 -7.85 10.69 -10.91
N GLY A 428 -6.55 10.48 -10.78
CA GLY A 428 -5.64 11.60 -10.91
C GLY A 428 -4.87 11.50 -12.21
N ALA A 429 -3.56 11.27 -12.09
CA ALA A 429 -2.70 11.14 -13.25
C ALA A 429 -3.13 10.00 -14.17
N PHE A 430 -3.88 9.03 -13.67
CA PHE A 430 -4.24 7.89 -14.48
C PHE A 430 -5.52 8.13 -15.30
N GLY A 431 -6.16 9.29 -15.15
CA GLY A 431 -7.22 9.66 -16.08
C GLY A 431 -8.58 9.07 -15.79
N GLY A 432 -8.77 8.40 -14.65
CA GLY A 432 -10.07 7.84 -14.35
C GLY A 432 -11.13 8.90 -14.16
N ASP A 433 -12.36 8.55 -14.55
CA ASP A 433 -13.54 9.35 -14.27
C ASP A 433 -14.11 9.01 -12.90
N ALA A 434 -14.21 10.02 -12.03
CA ALA A 434 -14.58 9.74 -10.64
C ALA A 434 -15.97 9.16 -10.53
N ARG A 435 -16.92 9.63 -11.33
CA ARG A 435 -18.27 9.10 -11.21
C ARG A 435 -18.35 7.67 -11.68
N LEU A 436 -17.64 7.34 -12.76
CA LEU A 436 -17.57 5.93 -13.18
C LEU A 436 -16.85 5.07 -12.13
N LYS A 437 -15.71 5.54 -11.64
CA LYS A 437 -14.95 4.74 -10.69
C LYS A 437 -15.73 4.53 -9.39
N ALA A 438 -16.44 5.56 -8.94
CA ALA A 438 -17.30 5.37 -7.77
C ALA A 438 -18.31 4.25 -7.99
N LEU A 439 -18.99 4.27 -9.15
CA LEU A 439 -20.02 3.26 -9.39
C LEU A 439 -19.40 1.88 -9.55
N ILE A 440 -18.20 1.79 -10.16
CA ILE A 440 -17.53 0.49 -10.29
C ILE A 440 -17.22 -0.05 -8.90
N GLN A 441 -16.72 0.81 -8.02
CA GLN A 441 -16.40 0.30 -6.68
C GLN A 441 -17.67 -0.09 -5.89
N ILE A 442 -18.76 0.65 -6.10
CA ILE A 442 -20.02 0.32 -5.49
C ILE A 442 -20.52 -1.04 -5.95
N LEU A 443 -20.36 -1.35 -7.24
CA LEU A 443 -20.79 -2.63 -7.77
C LEU A 443 -19.89 -3.76 -7.27
N ALA A 444 -18.59 -3.52 -7.23
CA ALA A 444 -17.68 -4.56 -6.73
C ALA A 444 -17.93 -4.84 -5.25
N ALA A 445 -18.12 -3.78 -4.47
CA ALA A 445 -18.43 -3.96 -3.05
C ALA A 445 -19.75 -4.73 -2.88
N ALA A 446 -20.76 -4.43 -3.70
CA ALA A 446 -22.02 -5.16 -3.59
C ALA A 446 -21.82 -6.64 -3.86
N ALA A 447 -21.04 -6.98 -4.88
CA ALA A 447 -20.81 -8.36 -5.22
C ALA A 447 -20.03 -9.07 -4.13
N ALA A 448 -19.09 -8.37 -3.48
CA ALA A 448 -18.38 -8.90 -2.32
C ALA A 448 -19.14 -8.74 -1.01
N GLU A 449 -20.35 -8.21 -1.06
CA GLU A 449 -21.22 -8.09 0.11
C GLU A 449 -20.62 -7.22 1.20
N ARG A 450 -20.04 -6.10 0.79
N ARG A 450 -19.97 -6.12 0.80
CA ARG A 450 -19.49 -5.11 1.69
CA ARG A 450 -19.46 -5.12 1.73
C ARG A 450 -20.18 -3.77 1.45
C ARG A 450 -20.17 -3.79 1.47
N ASP A 451 -20.35 -3.03 2.55
CA ASP A 451 -20.77 -1.63 2.43
C ASP A 451 -19.60 -0.73 2.03
N VAL A 452 -19.93 0.50 1.59
CA VAL A 452 -18.94 1.44 1.05
C VAL A 452 -18.96 2.75 1.84
N VAL A 453 -17.79 3.21 2.23
CA VAL A 453 -17.57 4.52 2.82
C VAL A 453 -16.63 5.27 1.87
N TYR A 454 -17.11 6.36 1.29
CA TYR A 454 -16.47 7.03 0.17
C TYR A 454 -16.12 8.46 0.50
N PHE A 455 -14.84 8.82 0.28
CA PHE A 455 -14.29 10.12 0.67
C PHE A 455 -13.98 10.91 -0.60
N THR A 456 -14.53 12.12 -0.70
CA THR A 456 -14.31 12.96 -1.89
C THR A 456 -13.37 14.14 -1.68
N PHE A 457 -12.81 14.29 -0.48
CA PHE A 457 -11.74 15.27 -0.18
C PHE A 457 -12.02 16.66 -0.74
N GLY A 458 -13.12 17.25 -0.27
CA GLY A 458 -13.45 18.61 -0.58
C GLY A 458 -14.44 18.79 -1.71
N ASP A 459 -14.70 17.74 -2.49
CA ASP A 459 -15.60 17.84 -3.66
C ASP A 459 -17.02 17.54 -3.17
N SER A 460 -17.71 18.60 -2.75
CA SER A 460 -19.06 18.40 -2.23
C SER A 460 -20.03 18.05 -3.35
N GLU A 461 -19.78 18.57 -4.55
CA GLU A 461 -20.69 18.25 -5.65
C GLU A 461 -20.62 16.77 -5.97
N LEU A 462 -19.42 16.19 -5.95
CA LEU A 462 -19.26 14.79 -6.24
C LEU A 462 -19.94 13.95 -5.19
N MET A 463 -19.78 14.32 -3.90
CA MET A 463 -20.47 13.63 -2.81
C MET A 463 -21.98 13.57 -3.09
N ARG A 464 -22.58 14.73 -3.43
CA ARG A 464 -24.01 14.77 -3.72
C ARG A 464 -24.37 13.90 -4.93
N ASP A 465 -23.53 13.91 -5.98
CA ASP A 465 -23.85 13.15 -7.18
C ASP A 465 -23.79 11.65 -6.91
N ILE A 466 -22.79 11.17 -6.19
CA ILE A 466 -22.66 9.75 -5.90
C ILE A 466 -23.81 9.31 -5.00
N TYR A 467 -24.11 10.09 -3.97
CA TYR A 467 -25.26 9.77 -3.10
C TYR A 467 -26.56 9.68 -3.93
N SER A 468 -26.80 10.68 -4.75
CA SER A 468 -28.06 10.73 -5.50
C SER A 468 -28.20 9.53 -6.43
N MET A 469 -27.11 9.15 -7.09
CA MET A 469 -27.17 7.99 -7.98
C MET A 469 -27.38 6.71 -7.18
N HIS A 470 -26.66 6.57 -6.07
CA HIS A 470 -26.83 5.37 -5.23
C HIS A 470 -28.26 5.21 -4.72
N ILE A 471 -28.88 6.30 -4.25
CA ILE A 471 -30.22 6.18 -3.68
C ILE A 471 -31.22 5.95 -4.81
N PHE A 472 -30.96 6.54 -5.99
CA PHE A 472 -31.82 6.31 -7.14
C PHE A 472 -31.86 4.83 -7.50
N LEU A 473 -30.68 4.21 -7.61
CA LEU A 473 -30.58 2.82 -8.02
C LEU A 473 -31.15 1.90 -6.93
N THR A 474 -30.83 2.18 -5.67
CA THR A 474 -31.34 1.30 -4.59
C THR A 474 -32.85 1.39 -4.42
N GLU A 475 -33.42 2.60 -4.52
CA GLU A 475 -34.87 2.73 -4.38
C GLU A 475 -35.60 2.01 -5.52
N ARG A 476 -34.99 1.95 -6.70
N ARG A 476 -34.99 1.95 -6.71
CA ARG A 476 -35.57 1.21 -7.82
CA ARG A 476 -35.58 1.21 -7.82
C ARG A 476 -35.14 -0.25 -7.86
C ARG A 476 -35.23 -0.27 -7.80
N LYS A 477 -34.48 -0.73 -6.81
CA LYS A 477 -34.13 -2.13 -6.65
C LYS A 477 -33.32 -2.70 -7.83
N LEU A 478 -32.51 -1.88 -8.47
CA LEU A 478 -31.66 -2.38 -9.55
C LEU A 478 -30.54 -3.23 -8.97
N THR A 479 -30.28 -4.37 -9.63
CA THR A 479 -29.21 -5.28 -9.20
C THR A 479 -27.86 -4.81 -9.76
N VAL A 480 -26.79 -5.44 -9.27
CA VAL A 480 -25.47 -5.22 -9.85
C VAL A 480 -25.53 -5.41 -11.36
N GLY A 481 -26.13 -6.52 -11.81
CA GLY A 481 -26.26 -6.79 -13.24
C GLY A 481 -27.06 -5.74 -13.98
N ASP A 482 -28.17 -5.28 -13.38
CA ASP A 482 -28.95 -4.21 -13.99
C ASP A 482 -28.06 -2.98 -14.26
N VAL A 483 -27.26 -2.60 -13.26
CA VAL A 483 -26.42 -1.43 -13.39
C VAL A 483 -25.33 -1.68 -14.42
N TYR A 484 -24.71 -2.85 -14.39
CA TYR A 484 -23.65 -3.11 -15.36
C TYR A 484 -24.18 -3.04 -16.78
N LYS A 485 -25.38 -3.57 -17.02
CA LYS A 485 -25.96 -3.48 -18.35
C LYS A 485 -26.12 -2.04 -18.80
N LEU A 486 -26.42 -1.14 -17.84
CA LEU A 486 -26.55 0.28 -18.19
C LEU A 486 -25.20 0.87 -18.57
N LEU A 487 -24.13 0.42 -17.92
CA LEU A 487 -22.78 0.86 -18.30
C LEU A 487 -22.48 0.44 -19.73
N LEU A 488 -22.83 -0.83 -20.08
CA LEU A 488 -22.59 -1.29 -21.44
C LEU A 488 -23.41 -0.46 -22.43
N ARG A 489 -24.63 -0.11 -22.05
CA ARG A 489 -25.47 0.71 -22.93
C ARG A 489 -24.83 2.09 -23.11
N TYR A 490 -24.32 2.67 -22.03
CA TYR A 490 -23.68 3.97 -22.15
C TYR A 490 -22.50 3.91 -23.12
N TYR A 491 -21.66 2.88 -23.00
CA TYR A 491 -20.59 2.72 -23.98
C TYR A 491 -21.12 2.66 -25.40
N ASN A 492 -22.09 1.78 -25.67
CA ASN A 492 -22.55 1.57 -27.01
C ASN A 492 -23.22 2.83 -27.57
N GLU A 493 -23.97 3.56 -26.75
CA GLU A 493 -24.76 4.65 -27.27
C GLU A 493 -24.02 5.99 -27.30
N GLU A 494 -23.03 6.18 -26.44
CA GLU A 494 -22.35 7.46 -26.29
C GLU A 494 -20.83 7.42 -26.42
N CYS A 495 -20.20 6.24 -26.43
CA CYS A 495 -18.73 6.16 -26.47
C CYS A 495 -18.18 5.45 -27.71
N ARG A 496 -18.71 4.27 -28.06
CA ARG A 496 -18.13 3.43 -29.11
C ARG A 496 -17.87 4.21 -30.39
N ASN A 497 -18.88 4.96 -30.84
CA ASN A 497 -18.81 5.67 -32.11
C ASN A 497 -18.70 7.18 -31.92
N CYS A 498 -18.25 7.61 -30.75
CA CYS A 498 -18.00 9.03 -30.49
C CYS A 498 -16.68 9.43 -31.12
N SER A 499 -16.71 10.43 -32.00
CA SER A 499 -15.49 10.89 -32.67
C SER A 499 -14.76 11.98 -31.89
N THR A 500 -15.39 12.58 -30.87
CA THR A 500 -14.76 13.61 -30.05
C THR A 500 -14.15 13.02 -28.79
N PRO A 501 -13.28 13.78 -28.10
CA PRO A 501 -12.62 13.20 -26.92
C PRO A 501 -13.57 12.96 -25.75
N GLY A 502 -14.67 13.72 -25.70
CA GLY A 502 -15.64 13.56 -24.63
C GLY A 502 -17.02 13.23 -25.18
N PRO A 503 -17.80 12.48 -24.42
CA PRO A 503 -19.11 12.07 -24.90
C PRO A 503 -20.11 13.21 -24.88
N ASP A 504 -21.15 13.06 -25.71
CA ASP A 504 -22.23 14.06 -25.78
C ASP A 504 -22.99 14.18 -24.46
N ILE A 505 -23.26 13.06 -23.82
CA ILE A 505 -24.02 13.01 -22.57
C ILE A 505 -23.12 12.36 -21.54
N LYS A 506 -23.19 12.85 -20.28
CA LYS A 506 -22.42 12.27 -19.20
C LYS A 506 -23.09 11.01 -18.64
N LEU A 507 -22.32 10.20 -17.93
CA LEU A 507 -22.76 8.87 -17.54
C LEU A 507 -23.97 8.92 -16.61
N TYR A 508 -23.91 9.75 -15.55
CA TYR A 508 -25.01 9.67 -14.59
C TYR A 508 -26.30 10.22 -15.22
N PRO A 509 -26.27 11.33 -15.95
CA PRO A 509 -27.50 11.75 -16.67
C PRO A 509 -28.03 10.70 -17.61
N PHE A 510 -27.14 9.99 -18.29
CA PHE A 510 -27.58 8.92 -19.18
C PHE A 510 -28.32 7.84 -18.38
N ILE A 511 -27.76 7.44 -17.23
CA ILE A 511 -28.37 6.40 -16.41
C ILE A 511 -29.76 6.82 -15.94
N TYR A 512 -29.87 8.03 -15.41
CA TYR A 512 -31.16 8.51 -14.94
C TYR A 512 -32.18 8.45 -16.05
N HIS A 513 -31.82 8.95 -17.24
CA HIS A 513 -32.75 8.97 -18.34
C HIS A 513 -33.13 7.57 -18.78
N ALA A 514 -32.15 6.67 -18.89
CA ALA A 514 -32.44 5.31 -19.32
C ALA A 514 -33.41 4.63 -18.36
N VAL A 515 -33.17 4.76 -17.06
CA VAL A 515 -34.04 4.06 -16.09
C VAL A 515 -35.43 4.70 -16.03
N GLU A 516 -35.48 6.03 -15.99
CA GLU A 516 -36.77 6.72 -15.90
C GLU A 516 -37.61 6.54 -17.16
N SER A 517 -36.99 6.21 -18.29
CA SER A 517 -37.74 5.98 -19.51
C SER A 517 -38.19 4.51 -19.56
#